data_3A9L
#
_entry.id   3A9L
#
_cell.length_a   86.809
_cell.length_b   86.809
_cell.length_c   85.116
_cell.angle_alpha   90.00
_cell.angle_beta   90.00
_cell.angle_gamma   120.00
#
_symmetry.space_group_name_H-M   'P 32'
#
loop_
_entity.id
_entity.type
_entity.pdbx_description
1 polymer 'Poly-gamma-glutamate hydrolase'
2 non-polymer 'ZINC ION'
3 non-polymer 'PHOSPHATE ION'
4 water water
#
_entity_poly.entity_id   1
_entity_poly.type   'polypeptide(L)'
_entity_poly.pdbx_seq_one_letter_code
;MAQTDTYPNIEALENAETVGVAYNIEVKRQNPSMIYFSPHAGGIEVGTTELIYRVVELTGGSLYLFQGLLPSGNSRLHVT
STHFDEPMAVCMLSKHTDAVSFHGYKDDYNKNTLVGGLNTELRNLIVSKLNSKGIAAEVATDRFTATDPDNIVNRCASGK
GVQLEISSAQRRAFFQNNDWSKANRGNVTQEFLDYAEAIKEAEAEYYGLEHHHHHH
;
_entity_poly.pdbx_strand_id   A,B
#
loop_
_chem_comp.id
_chem_comp.type
_chem_comp.name
_chem_comp.formula
PO4 non-polymer 'PHOSPHATE ION' 'O4 P -3'
ZN non-polymer 'ZINC ION' 'Zn 2'
#
# COMPACT_ATOMS: atom_id res chain seq x y z
N THR A 4 -22.54 18.44 -5.37
CA THR A 4 -22.37 17.76 -4.06
C THR A 4 -22.07 16.26 -4.24
N ASP A 5 -21.48 15.65 -3.20
CA ASP A 5 -21.07 14.24 -3.28
C ASP A 5 -22.24 13.29 -3.42
N THR A 6 -21.98 12.09 -3.95
CA THR A 6 -22.93 10.98 -3.91
C THR A 6 -22.93 10.36 -2.51
N TYR A 7 -21.76 9.92 -2.04
CA TYR A 7 -21.64 9.29 -0.72
C TYR A 7 -21.23 10.30 0.36
N PRO A 8 -21.93 10.29 1.51
CA PRO A 8 -21.69 11.21 2.63
C PRO A 8 -20.42 10.91 3.35
N ASN A 9 -19.90 9.72 3.11
CA ASN A 9 -18.65 9.29 3.69
C ASN A 9 -18.22 8.00 3.00
N ILE A 10 -17.09 7.46 3.44
CA ILE A 10 -16.49 6.33 2.73
C ILE A 10 -17.11 4.98 3.02
N GLU A 11 -17.71 4.83 4.22
CA GLU A 11 -18.53 3.65 4.53
C GLU A 11 -19.65 3.51 3.49
N ALA A 12 -20.48 4.55 3.37
CA ALA A 12 -21.54 4.57 2.36
C ALA A 12 -21.02 4.23 0.97
N LEU A 13 -19.88 4.83 0.61
CA LEU A 13 -19.21 4.52 -0.64
C LEU A 13 -18.80 3.06 -0.73
N GLU A 14 -18.08 2.58 0.29
CA GLU A 14 -17.58 1.22 0.27
C GLU A 14 -18.72 0.19 0.25
N ASN A 15 -19.79 0.52 0.98
CA ASN A 15 -20.98 -0.32 1.06
C ASN A 15 -21.62 -0.55 -0.29
N ALA A 16 -21.52 0.43 -1.18
CA ALA A 16 -22.21 0.39 -2.47
C ALA A 16 -21.31 0.01 -3.64
N GLU A 17 -20.04 0.39 -3.59
CA GLU A 17 -19.12 0.21 -4.72
C GLU A 17 -18.32 -1.05 -4.48
N THR A 18 -17.74 -1.61 -5.54
CA THR A 18 -16.96 -2.88 -5.47
C THR A 18 -15.48 -2.57 -5.51
N VAL A 19 -14.71 -3.01 -4.50
CA VAL A 19 -13.29 -2.71 -4.51
C VAL A 19 -12.61 -3.46 -5.65
N GLY A 20 -11.64 -2.80 -6.26
CA GLY A 20 -10.93 -3.36 -7.40
C GLY A 20 -11.73 -3.33 -8.71
N VAL A 21 -12.96 -2.82 -8.64
CA VAL A 21 -13.71 -2.48 -9.85
C VAL A 21 -13.94 -0.95 -9.99
N ALA A 22 -14.59 -0.31 -9.03
CA ALA A 22 -14.71 1.18 -9.02
C ALA A 22 -13.56 1.91 -8.30
N TYR A 23 -12.91 1.25 -7.33
CA TYR A 23 -11.87 1.91 -6.58
C TYR A 23 -10.85 0.90 -6.02
N ASN A 24 -9.63 1.39 -5.79
CA ASN A 24 -8.64 0.65 -4.99
C ASN A 24 -7.98 1.58 -3.95
N ILE A 25 -7.30 0.98 -2.97
CA ILE A 25 -6.53 1.74 -2.00
C ILE A 25 -5.08 1.23 -1.98
N GLU A 26 -4.15 2.18 -1.94
CA GLU A 26 -2.71 1.92 -1.93
C GLU A 26 -2.06 2.62 -0.74
N VAL A 27 -1.15 1.94 -0.05
CA VAL A 27 -0.49 2.53 1.16
C VAL A 27 0.97 2.09 1.18
N LYS A 28 1.88 3.01 1.44
CA LYS A 28 3.21 2.62 1.81
C LYS A 28 3.65 3.49 2.97
N ARG A 29 3.71 2.92 4.18
CA ARG A 29 4.16 3.61 5.35
C ARG A 29 5.65 3.29 5.48
N GLN A 30 6.47 4.34 5.39
CA GLN A 30 7.91 4.20 5.27
C GLN A 30 8.66 5.41 5.82
N ASN A 31 7.94 6.29 6.50
CA ASN A 31 8.51 7.50 7.09
C ASN A 31 7.75 7.90 8.36
N PRO A 32 8.47 8.22 9.47
CA PRO A 32 7.88 8.75 10.69
C PRO A 32 7.28 10.17 10.59
N SER A 33 7.79 10.96 9.65
CA SER A 33 7.58 12.42 9.64
C SER A 33 6.57 12.94 8.63
N MET A 34 6.56 12.35 7.44
CA MET A 34 5.84 12.92 6.29
C MET A 34 5.09 11.90 5.42
N ILE A 35 3.86 12.25 5.03
CA ILE A 35 3.05 11.39 4.21
C ILE A 35 2.39 12.21 3.08
N TYR A 36 2.57 11.77 1.85
CA TYR A 36 2.00 12.44 0.72
C TYR A 36 0.86 11.60 0.24
N PHE A 37 -0.28 12.22 0.03
CA PHE A 37 -1.48 11.40 -0.21
C PHE A 37 -2.59 12.15 -0.91
N SER A 38 -3.52 11.37 -1.47
CA SER A 38 -4.73 11.95 -2.02
C SER A 38 -5.96 11.04 -1.74
N PRO A 39 -7.08 11.65 -1.30
CA PRO A 39 -8.32 10.87 -1.20
C PRO A 39 -9.06 10.77 -2.54
N HIS A 40 -8.59 11.55 -3.51
CA HIS A 40 -9.21 11.72 -4.83
C HIS A 40 -8.26 11.34 -5.99
N ALA A 41 -7.59 10.19 -5.82
CA ALA A 41 -6.60 9.73 -6.79
C ALA A 41 -7.19 8.85 -7.92
N GLY A 42 -6.31 8.31 -8.78
CA GLY A 42 -6.73 7.57 -9.97
C GLY A 42 -7.48 8.55 -10.84
N GLY A 43 -8.62 8.11 -11.35
CA GLY A 43 -9.55 8.90 -12.18
C GLY A 43 -10.42 9.98 -11.50
N ILE A 44 -10.56 9.98 -10.17
CA ILE A 44 -11.36 11.03 -9.49
C ILE A 44 -10.81 12.44 -9.76
N GLU A 45 -9.54 12.68 -9.44
CA GLU A 45 -8.85 13.89 -9.83
C GLU A 45 -7.53 13.56 -10.52
N VAL A 46 -7.59 13.52 -11.85
CA VAL A 46 -6.51 12.94 -12.68
C VAL A 46 -5.21 13.68 -12.54
N GLY A 47 -4.15 12.89 -12.29
CA GLY A 47 -2.80 13.37 -12.11
C GLY A 47 -2.25 13.34 -10.70
N THR A 48 -3.13 13.26 -9.70
CA THR A 48 -2.70 13.16 -8.31
C THR A 48 -1.89 11.88 -8.03
N THR A 49 -2.33 10.76 -8.57
CA THR A 49 -1.60 9.50 -8.42
C THR A 49 -0.15 9.63 -8.86
N GLU A 50 0.05 10.21 -10.04
CA GLU A 50 1.38 10.22 -10.70
C GLU A 50 2.29 11.23 -10.02
N LEU A 51 1.71 12.35 -9.63
CA LEU A 51 2.49 13.34 -8.91
C LEU A 51 2.86 12.81 -7.55
N ILE A 52 1.97 12.09 -6.88
CA ILE A 52 2.32 11.56 -5.56
C ILE A 52 3.42 10.51 -5.67
N TYR A 53 3.35 9.68 -6.72
CA TYR A 53 4.37 8.65 -6.96
C TYR A 53 5.76 9.26 -7.06
N ARG A 54 5.88 10.30 -7.86
CA ARG A 54 7.11 11.02 -8.11
C ARG A 54 7.61 11.73 -6.84
N VAL A 55 6.69 12.39 -6.11
CA VAL A 55 7.09 13.04 -4.85
C VAL A 55 7.61 12.04 -3.82
N VAL A 56 6.97 10.88 -3.78
CA VAL A 56 7.39 9.83 -2.88
C VAL A 56 8.72 9.21 -3.32
N GLU A 57 8.87 9.01 -4.63
CA GLU A 57 10.10 8.47 -5.20
C GLU A 57 11.26 9.45 -4.95
N LEU A 58 10.97 10.74 -5.03
CA LEU A 58 11.97 11.79 -4.66
C LEU A 58 12.29 11.98 -3.19
N THR A 59 11.35 11.68 -2.30
CA THR A 59 11.46 12.02 -0.87
C THR A 59 11.67 10.83 0.07
N GLY A 60 11.10 9.69 -0.29
CA GLY A 60 10.97 8.56 0.64
C GLY A 60 9.86 8.81 1.66
N GLY A 61 8.96 9.76 1.37
CA GLY A 61 7.78 9.99 2.18
C GLY A 61 6.88 8.78 2.11
N SER A 62 6.00 8.60 3.10
CA SER A 62 4.95 7.58 3.00
C SER A 62 3.92 8.06 1.95
N LEU A 63 3.12 7.11 1.47
CA LEU A 63 2.15 7.30 0.41
C LEU A 63 0.82 6.71 0.83
N TYR A 64 -0.27 7.38 0.46
CA TYR A 64 -1.61 6.79 0.56
C TYR A 64 -2.38 7.33 -0.60
N LEU A 65 -3.14 6.47 -1.30
CA LEU A 65 -3.99 6.89 -2.43
C LEU A 65 -5.32 6.16 -2.44
N PHE A 66 -6.42 6.90 -2.35
CA PHE A 66 -7.75 6.31 -2.58
C PHE A 66 -8.07 6.62 -4.01
N GLN A 67 -8.12 5.58 -4.85
CA GLN A 67 -8.09 5.77 -6.32
C GLN A 67 -9.39 5.36 -6.98
N GLY A 68 -9.96 6.24 -7.82
CA GLY A 68 -11.00 5.85 -8.77
C GLY A 68 -10.44 5.06 -9.94
N LEU A 69 -11.15 4.01 -10.34
CA LEU A 69 -10.72 3.07 -11.39
C LEU A 69 -11.64 2.99 -12.59
N LEU A 70 -12.75 3.73 -12.52
CA LEU A 70 -13.75 3.63 -13.56
C LEU A 70 -13.18 4.28 -14.78
N PRO A 71 -13.51 3.75 -15.96
CA PRO A 71 -13.05 4.46 -17.15
C PRO A 71 -13.69 5.88 -17.27
N SER A 72 -14.84 6.09 -16.62
CA SER A 72 -15.49 7.43 -16.60
C SER A 72 -16.44 7.56 -15.43
N GLY A 73 -16.66 8.80 -15.00
CA GLY A 73 -17.61 9.05 -13.92
C GLY A 73 -17.14 8.65 -12.53
N ASN A 74 -15.84 8.86 -12.30
CA ASN A 74 -15.23 8.65 -10.99
C ASN A 74 -15.62 9.76 -10.01
N SER A 75 -16.31 10.80 -10.50
CA SER A 75 -16.73 11.87 -9.60
C SER A 75 -17.69 11.37 -8.53
N ARG A 76 -18.37 10.27 -8.80
CA ARG A 76 -19.27 9.65 -7.81
C ARG A 76 -18.49 9.03 -6.66
N LEU A 77 -17.19 8.82 -6.87
CA LEU A 77 -16.33 8.26 -5.84
C LEU A 77 -15.70 9.38 -4.99
N HIS A 78 -16.13 10.62 -5.26
CA HIS A 78 -15.58 11.79 -4.57
C HIS A 78 -16.26 11.98 -3.24
N VAL A 79 -15.47 11.88 -2.17
CA VAL A 79 -15.90 12.27 -0.84
C VAL A 79 -14.99 13.41 -0.39
N THR A 80 -15.58 14.59 -0.30
CA THR A 80 -14.84 15.77 0.09
C THR A 80 -13.93 15.52 1.32
N SER A 81 -12.77 16.19 1.36
CA SER A 81 -11.75 15.98 2.43
C SER A 81 -12.22 16.19 3.87
N THR A 82 -13.13 17.14 4.09
CA THR A 82 -13.68 17.29 5.44
C THR A 82 -14.54 16.07 5.90
N HIS A 83 -14.91 15.18 4.97
CA HIS A 83 -15.83 14.06 5.26
C HIS A 83 -15.14 12.71 5.03
N PHE A 84 -13.88 12.82 4.65
CA PHE A 84 -13.18 11.66 4.15
C PHE A 84 -12.62 10.94 5.33
N ASP A 85 -13.11 9.72 5.47
CA ASP A 85 -12.91 8.99 6.70
C ASP A 85 -12.45 7.54 6.47
N GLU A 86 -11.86 7.25 5.31
CA GLU A 86 -11.41 5.89 5.05
C GLU A 86 -10.50 5.48 6.23
N PRO A 87 -10.83 4.35 6.89
CA PRO A 87 -10.12 4.09 8.13
C PRO A 87 -8.60 3.92 8.01
N MET A 88 -8.12 3.40 6.87
CA MET A 88 -6.70 3.20 6.75
C MET A 88 -5.97 4.54 6.63
N ALA A 89 -6.56 5.46 5.84
CA ALA A 89 -6.14 6.85 5.73
C ALA A 89 -5.98 7.54 7.09
N VAL A 90 -7.05 7.50 7.89
CA VAL A 90 -7.09 8.08 9.24
C VAL A 90 -6.05 7.46 10.15
N CYS A 91 -5.83 6.16 10.02
CA CYS A 91 -4.79 5.51 10.79
C CYS A 91 -3.43 6.07 10.30
N MET A 92 -3.19 6.07 9.00
CA MET A 92 -1.94 6.60 8.45
C MET A 92 -1.71 8.06 8.86
N LEU A 93 -2.70 8.92 8.67
CA LEU A 93 -2.49 10.33 9.04
C LEU A 93 -1.99 10.48 10.47
N SER A 94 -2.61 9.76 11.40
CA SER A 94 -2.32 9.86 12.82
C SER A 94 -0.93 9.38 13.20
N LYS A 95 -0.31 8.63 12.29
CA LYS A 95 1.04 8.06 12.50
C LYS A 95 2.16 8.93 11.89
N HIS A 96 1.77 10.09 11.36
CA HIS A 96 2.75 11.00 10.77
C HIS A 96 2.61 12.40 11.34
N THR A 97 3.77 13.00 11.63
CA THR A 97 3.80 14.39 12.07
C THR A 97 3.17 15.34 11.09
N ASP A 98 3.57 15.20 9.82
CA ASP A 98 3.21 16.13 8.78
C ASP A 98 2.47 15.40 7.69
N ALA A 99 1.70 16.15 6.88
CA ALA A 99 0.98 15.59 5.77
C ALA A 99 0.81 16.64 4.69
N VAL A 100 1.05 16.22 3.45
CA VAL A 100 0.76 17.05 2.26
C VAL A 100 -0.26 16.33 1.37
N SER A 101 -1.39 16.97 1.09
CA SER A 101 -2.45 16.31 0.30
C SER A 101 -2.48 16.88 -1.12
N PHE A 102 -2.84 16.08 -2.10
CA PHE A 102 -2.84 16.56 -3.48
C PHE A 102 -4.23 16.44 -4.13
N HIS A 103 -4.73 17.57 -4.65
CA HIS A 103 -6.10 17.68 -5.16
C HIS A 103 -6.19 18.25 -6.53
N GLY A 104 -7.28 17.93 -7.21
CA GLY A 104 -7.54 18.52 -8.53
C GLY A 104 -8.81 19.37 -8.54
N TYR A 105 -8.74 20.59 -9.09
CA TYR A 105 -9.97 21.36 -9.21
C TYR A 105 -10.16 21.75 -10.67
N LYS A 106 -11.41 22.03 -11.06
CA LYS A 106 -11.74 22.34 -12.44
C LYS A 106 -11.39 23.78 -12.82
N ASP A 107 -10.44 23.90 -13.74
CA ASP A 107 -10.23 25.15 -14.45
C ASP A 107 -9.37 24.72 -15.60
N ASP A 108 -10.01 24.46 -16.72
CA ASP A 108 -9.30 24.07 -17.93
C ASP A 108 -8.63 25.27 -18.58
N TYR A 109 -8.87 26.45 -18.04
CA TYR A 109 -8.47 27.68 -18.71
C TYR A 109 -7.27 28.41 -18.07
N ASN A 110 -6.89 28.00 -16.87
CA ASN A 110 -5.74 28.60 -16.19
C ASN A 110 -4.97 27.57 -15.45
N LYS A 111 -3.65 27.61 -15.63
CA LYS A 111 -2.72 26.86 -14.81
C LYS A 111 -2.45 27.58 -13.49
N ASN A 112 -2.87 26.93 -12.40
CA ASN A 112 -2.69 27.46 -11.08
C ASN A 112 -2.71 26.39 -10.00
N THR A 113 -2.03 26.69 -8.91
CA THR A 113 -2.08 25.90 -7.70
C THR A 113 -2.40 26.79 -6.48
N LEU A 114 -3.42 26.37 -5.73
CA LEU A 114 -3.95 27.08 -4.57
C LEU A 114 -3.62 26.25 -3.33
N VAL A 115 -2.72 26.79 -2.52
CA VAL A 115 -2.13 26.04 -1.41
C VAL A 115 -2.70 26.53 -0.07
N GLY A 116 -3.23 25.61 0.72
CA GLY A 116 -3.71 25.96 2.04
C GLY A 116 -3.35 24.90 3.05
N GLY A 117 -4.15 24.80 4.09
CA GLY A 117 -3.86 23.89 5.18
C GLY A 117 -3.36 24.70 6.37
N LEU A 118 -3.22 24.05 7.53
CA LEU A 118 -2.80 24.75 8.76
C LEU A 118 -1.29 24.79 8.94
N ASN A 119 -0.53 23.96 8.20
CA ASN A 119 0.92 24.07 8.27
C ASN A 119 1.45 25.26 7.44
N THR A 120 1.49 26.44 8.05
CA THR A 120 1.66 27.71 7.31
C THR A 120 3.04 27.77 6.74
N GLU A 121 4.00 27.34 7.55
CA GLU A 121 5.41 27.33 7.15
C GLU A 121 5.72 26.47 5.95
N LEU A 122 5.30 25.20 5.97
CA LEU A 122 5.38 24.31 4.82
C LEU A 122 4.47 24.76 3.67
N ARG A 123 3.25 25.21 3.97
CA ARG A 123 2.38 25.90 2.98
C ARG A 123 3.12 27.01 2.19
N ASN A 124 3.70 27.99 2.90
CA ASN A 124 4.45 29.07 2.27
C ASN A 124 5.65 28.56 1.45
N LEU A 125 6.35 27.57 1.98
CA LEU A 125 7.54 27.00 1.32
C LEU A 125 7.26 26.36 -0.03
N ILE A 126 6.16 25.61 -0.09
CA ILE A 126 5.72 24.94 -1.33
C ILE A 126 5.31 25.97 -2.39
N VAL A 127 4.76 27.06 -1.91
CA VAL A 127 4.28 28.14 -2.74
C VAL A 127 5.53 28.72 -3.36
N SER A 128 6.49 29.00 -2.50
CA SER A 128 7.70 29.67 -2.89
C SER A 128 8.58 28.82 -3.81
N LYS A 129 8.63 27.50 -3.60
CA LYS A 129 9.36 26.60 -4.52
C LYS A 129 8.69 26.48 -5.88
N LEU A 130 7.38 26.34 -5.89
CA LEU A 130 6.71 26.18 -7.17
C LEU A 130 6.99 27.37 -8.07
N ASN A 131 6.77 28.57 -7.53
CA ASN A 131 7.10 29.81 -8.23
C ASN A 131 8.50 29.81 -8.80
N SER A 132 9.45 29.32 -8.04
CA SER A 132 10.85 29.47 -8.42
C SER A 132 11.17 28.50 -9.54
N LYS A 133 10.26 27.55 -9.79
CA LYS A 133 10.32 26.68 -10.97
C LYS A 133 9.41 27.23 -12.05
N GLY A 134 8.92 28.45 -11.85
CA GLY A 134 8.09 29.11 -12.87
C GLY A 134 6.69 28.54 -12.92
N ILE A 135 6.27 27.91 -11.81
CA ILE A 135 4.97 27.26 -11.72
C ILE A 135 4.06 28.12 -10.87
N ALA A 136 2.92 28.47 -11.46
CA ALA A 136 1.93 29.34 -10.86
C ALA A 136 1.45 28.73 -9.58
N ALA A 137 1.50 29.50 -8.50
CA ALA A 137 1.11 29.03 -7.19
C ALA A 137 0.84 30.18 -6.23
N GLU A 138 -0.24 30.08 -5.48
CA GLU A 138 -0.54 31.10 -4.46
C GLU A 138 -1.20 30.51 -3.22
N VAL A 139 -1.15 31.27 -2.12
CA VAL A 139 -1.94 30.94 -0.90
C VAL A 139 -3.43 31.01 -1.24
N ALA A 140 -4.13 29.93 -0.93
CA ALA A 140 -5.57 29.85 -1.11
C ALA A 140 -6.32 30.88 -0.25
N THR A 141 -7.40 31.44 -0.81
CA THR A 141 -8.18 32.54 -0.18
C THR A 141 -9.72 32.47 -0.21
N ASP A 142 -10.37 32.57 -1.36
CA ASP A 142 -11.85 32.43 -1.32
C ASP A 142 -12.29 31.00 -0.93
N ARG A 143 -11.58 30.02 -1.47
CA ARG A 143 -11.91 28.61 -1.43
C ARG A 143 -10.63 27.82 -1.14
N PHE A 144 -10.79 26.58 -0.72
CA PHE A 144 -9.67 25.63 -0.56
C PHE A 144 -8.64 26.06 0.48
N THR A 145 -9.04 26.87 1.45
CA THR A 145 -8.09 27.36 2.45
C THR A 145 -7.73 26.28 3.46
N ALA A 146 -8.64 25.33 3.64
CA ALA A 146 -8.44 24.21 4.60
C ALA A 146 -7.82 24.59 5.95
N THR A 147 -8.46 25.45 6.72
CA THR A 147 -7.92 25.80 8.03
C THR A 147 -8.79 25.24 9.15
N ASP A 148 -9.67 24.31 8.80
CA ASP A 148 -10.60 23.66 9.75
C ASP A 148 -9.96 22.39 10.23
N PRO A 149 -10.50 21.77 11.31
CA PRO A 149 -9.85 20.57 11.88
C PRO A 149 -10.36 19.23 11.34
N ASP A 150 -11.39 19.29 10.51
CA ASP A 150 -11.93 18.12 9.81
C ASP A 150 -11.15 17.71 8.57
N ASN A 151 -10.73 18.69 7.76
CA ASN A 151 -10.02 18.34 6.54
C ASN A 151 -8.96 17.24 6.77
N ILE A 152 -9.15 16.08 6.16
CA ILE A 152 -8.18 14.97 6.36
C ILE A 152 -6.68 15.37 6.52
N VAL A 153 -6.19 16.30 5.69
CA VAL A 153 -4.79 16.75 5.78
C VAL A 153 -4.35 17.31 7.14
N ASN A 154 -5.26 17.96 7.88
CA ASN A 154 -4.94 18.48 9.24
C ASN A 154 -5.18 17.45 10.35
N ARG A 155 -5.39 16.19 9.96
CA ARG A 155 -5.57 15.14 10.94
C ARG A 155 -4.32 14.26 11.01
N CYS A 156 -3.20 14.77 10.51
CA CYS A 156 -1.88 14.22 10.89
C CYS A 156 -1.66 14.49 12.39
N ALA A 157 -0.57 13.96 12.92
CA ALA A 157 -0.30 14.04 14.34
C ALA A 157 -0.14 15.48 14.83
N SER A 158 0.47 16.31 14.00
CA SER A 158 0.72 17.70 14.38
C SER A 158 -0.60 18.49 14.32
N GLY A 159 -1.58 17.95 13.61
CA GLY A 159 -2.85 18.64 13.38
C GLY A 159 -2.77 19.80 12.38
N LYS A 160 -1.66 19.87 11.63
CA LYS A 160 -1.41 20.98 10.70
C LYS A 160 -0.85 20.43 9.39
N GLY A 161 -1.68 20.40 8.35
CA GLY A 161 -1.31 19.81 7.08
C GLY A 161 -1.21 20.86 5.98
N VAL A 162 -0.87 20.45 4.76
CA VAL A 162 -0.77 21.40 3.64
C VAL A 162 -1.53 20.81 2.47
N GLN A 163 -2.52 21.54 2.00
CA GLN A 163 -3.33 21.08 0.91
C GLN A 163 -2.94 21.77 -0.41
N LEU A 164 -2.72 20.99 -1.47
CA LEU A 164 -2.54 21.58 -2.79
C LEU A 164 -3.75 21.30 -3.67
N GLU A 165 -4.31 22.34 -4.27
CA GLU A 165 -5.45 22.13 -5.16
C GLU A 165 -5.00 22.57 -6.54
N ILE A 166 -4.81 21.59 -7.44
CA ILE A 166 -4.18 21.83 -8.72
C ILE A 166 -5.22 21.85 -9.85
N SER A 167 -5.20 22.92 -10.63
CA SER A 167 -6.22 23.14 -11.67
C SER A 167 -6.09 22.09 -12.77
N SER A 168 -7.20 21.83 -13.45
CA SER A 168 -7.27 20.80 -14.47
C SER A 168 -6.32 21.13 -15.62
N ALA A 169 -6.18 22.41 -15.93
CA ALA A 169 -5.23 22.88 -16.95
C ALA A 169 -3.81 22.50 -16.56
N GLN A 170 -3.51 22.65 -15.26
CA GLN A 170 -2.14 22.47 -14.82
C GLN A 170 -1.73 21.00 -14.86
N ARG A 171 -2.64 20.16 -14.37
CA ARG A 171 -2.52 18.71 -14.41
C ARG A 171 -2.49 18.15 -15.85
N ARG A 172 -3.23 18.77 -16.77
CA ARG A 172 -3.09 18.40 -18.18
C ARG A 172 -1.68 18.73 -18.70
N ALA A 173 -1.05 19.79 -18.16
CA ALA A 173 0.29 20.17 -18.58
C ALA A 173 1.41 19.31 -17.97
N PHE A 174 1.10 18.52 -16.94
CA PHE A 174 2.00 17.43 -16.48
C PHE A 174 2.26 16.34 -17.56
N PHE A 175 1.38 16.19 -18.53
CA PHE A 175 1.45 15.03 -19.45
C PHE A 175 1.77 15.42 -20.88
N GLN A 176 2.52 14.57 -21.55
CA GLN A 176 2.91 14.73 -22.94
C GLN A 176 1.72 14.90 -23.85
N ASN A 177 1.71 15.97 -24.68
CA ASN A 177 0.57 16.28 -25.57
C ASN A 177 -0.58 17.02 -24.88
N ASN A 178 -0.36 17.45 -23.62
CA ASN A 178 -1.44 17.96 -22.74
C ASN A 178 -2.63 16.97 -22.62
N ASP A 179 -2.34 15.69 -22.75
CA ASP A 179 -3.39 14.70 -22.84
C ASP A 179 -3.39 13.83 -21.59
N TRP A 180 -4.44 13.91 -20.77
CA TRP A 180 -4.37 13.15 -19.54
C TRP A 180 -5.03 11.77 -19.57
N SER A 181 -5.20 11.18 -20.77
CA SER A 181 -5.83 9.85 -20.83
C SER A 181 -5.00 8.80 -20.11
N LYS A 182 -5.68 7.83 -19.48
CA LYS A 182 -4.96 6.85 -18.64
C LYS A 182 -3.81 6.25 -19.43
N ALA A 183 -4.10 5.95 -20.70
CA ALA A 183 -3.17 5.25 -21.58
C ALA A 183 -1.87 6.02 -21.69
N ASN A 184 -1.99 7.32 -21.49
CA ASN A 184 -0.91 8.25 -21.66
C ASN A 184 -0.36 8.86 -20.37
N ARG A 185 -0.81 8.38 -19.21
CA ARG A 185 -0.35 8.97 -17.95
C ARG A 185 1.07 8.55 -17.54
N GLY A 186 1.65 7.62 -18.31
CA GLY A 186 3.05 7.30 -18.13
C GLY A 186 4.02 8.24 -18.79
N ASN A 187 3.49 9.23 -19.51
CA ASN A 187 4.26 10.08 -20.41
C ASN A 187 4.17 11.53 -19.92
N VAL A 188 5.13 11.92 -19.08
CA VAL A 188 5.01 13.16 -18.33
C VAL A 188 5.99 14.20 -18.85
N THR A 189 5.69 15.47 -18.59
CA THR A 189 6.44 16.56 -19.19
C THR A 189 7.47 17.07 -18.20
N GLN A 190 8.27 18.03 -18.65
CA GLN A 190 9.28 18.66 -17.79
C GLN A 190 8.61 19.42 -16.64
N GLU A 191 7.48 20.08 -16.94
CA GLU A 191 6.70 20.78 -15.89
C GLU A 191 6.30 19.82 -14.77
N PHE A 192 5.82 18.64 -15.13
CA PHE A 192 5.58 17.58 -14.13
C PHE A 192 6.76 17.38 -13.20
N LEU A 193 7.92 17.10 -13.77
CA LEU A 193 9.17 16.86 -13.00
C LEU A 193 9.56 18.03 -12.09
N ASP A 194 9.56 19.23 -12.64
CA ASP A 194 9.80 20.46 -11.86
C ASP A 194 8.81 20.64 -10.70
N TYR A 195 7.54 20.29 -10.93
CA TYR A 195 6.51 20.44 -9.91
C TYR A 195 6.90 19.51 -8.76
N ALA A 196 7.08 18.23 -9.07
CA ALA A 196 7.42 17.27 -8.06
C ALA A 196 8.73 17.60 -7.29
N GLU A 197 9.74 18.13 -8.00
CA GLU A 197 11.01 18.58 -7.38
C GLU A 197 10.79 19.77 -6.45
N ALA A 198 9.94 20.70 -6.86
CA ALA A 198 9.55 21.82 -5.98
C ALA A 198 9.04 21.36 -4.62
N ILE A 199 8.24 20.32 -4.61
CA ILE A 199 7.68 19.78 -3.37
C ILE A 199 8.80 19.16 -2.52
N LYS A 200 9.70 18.43 -3.18
CA LYS A 200 10.82 17.81 -2.45
C LYS A 200 11.71 18.90 -1.78
N GLU A 201 12.03 19.93 -2.53
CA GLU A 201 12.86 21.05 -2.04
C GLU A 201 12.27 21.75 -0.84
N ALA A 202 10.96 21.97 -0.88
CA ALA A 202 10.22 22.64 0.19
C ALA A 202 10.17 21.75 1.42
N GLU A 203 9.96 20.43 1.22
CA GLU A 203 10.03 19.47 2.34
C GLU A 203 11.43 19.49 2.97
N ALA A 204 12.47 19.55 2.12
CA ALA A 204 13.89 19.58 2.57
C ALA A 204 14.23 20.78 3.44
N GLU A 205 14.00 21.98 2.92
CA GLU A 205 14.19 23.23 3.68
C GLU A 205 13.39 23.21 5.01
N TYR A 206 12.11 22.82 4.93
CA TYR A 206 11.26 22.64 6.13
C TYR A 206 11.95 21.83 7.19
N TYR A 207 12.39 20.64 6.81
CA TYR A 207 13.06 19.78 7.76
C TYR A 207 14.47 20.31 8.09
N GLY A 208 14.96 21.21 7.24
CA GLY A 208 16.26 21.87 7.41
C GLY A 208 16.17 23.04 8.38
N LEU A 209 15.09 23.82 8.28
CA LEU A 209 14.80 24.87 9.24
C LEU A 209 14.49 24.27 10.62
N GLU A 210 13.61 23.28 10.68
CA GLU A 210 13.21 22.68 11.96
C GLU A 210 14.38 22.10 12.76
N THR B 4 11.10 -17.04 20.81
CA THR B 4 10.49 -16.07 21.76
C THR B 4 10.72 -14.65 21.26
N ASP B 5 9.62 -14.03 20.84
CA ASP B 5 9.66 -12.81 20.06
C ASP B 5 10.18 -11.70 20.92
N THR B 6 11.04 -10.84 20.35
CA THR B 6 11.45 -9.59 21.00
C THR B 6 10.23 -8.84 21.59
N TYR B 7 9.16 -8.62 20.79
CA TYR B 7 7.95 -7.86 21.22
C TYR B 7 6.64 -8.65 21.33
N PRO B 8 5.79 -8.38 22.37
CA PRO B 8 4.57 -9.22 22.50
C PRO B 8 3.50 -8.97 21.43
N ASN B 9 3.56 -7.80 20.80
CA ASN B 9 2.54 -7.35 19.84
C ASN B 9 3.14 -6.26 18.93
N ILE B 10 2.37 -5.79 17.94
CA ILE B 10 2.87 -4.80 16.97
C ILE B 10 2.95 -3.41 17.54
N GLU B 11 2.10 -3.08 18.52
CA GLU B 11 2.20 -1.80 19.19
C GLU B 11 3.55 -1.59 19.87
N ALA B 12 4.08 -2.65 20.45
CA ALA B 12 5.33 -2.66 21.24
C ALA B 12 6.51 -2.44 20.31
N LEU B 13 6.51 -3.17 19.20
CA LEU B 13 7.50 -3.00 18.15
C LEU B 13 7.53 -1.57 17.68
N GLU B 14 6.33 -1.05 17.34
CA GLU B 14 6.13 0.30 16.75
C GLU B 14 6.56 1.42 17.71
N ASN B 15 6.23 1.27 19.00
CA ASN B 15 6.81 2.18 20.01
C ASN B 15 8.35 2.09 20.21
N ALA B 16 9.02 1.10 19.62
CA ALA B 16 10.48 1.04 19.76
C ALA B 16 11.25 1.27 18.45
N GLU B 17 10.59 1.01 17.33
CA GLU B 17 11.26 0.98 16.03
C GLU B 17 10.98 2.19 15.16
N THR B 18 11.85 2.45 14.20
CA THR B 18 11.61 3.55 13.31
C THR B 18 11.13 3.02 11.98
N VAL B 19 9.97 3.50 11.54
CA VAL B 19 9.45 3.02 10.27
C VAL B 19 10.29 3.63 9.13
N GLY B 20 10.54 2.87 8.09
CA GLY B 20 11.35 3.32 6.97
C GLY B 20 12.83 3.04 7.22
N VAL B 21 13.19 2.71 8.45
CA VAL B 21 14.57 2.27 8.73
C VAL B 21 14.55 0.76 9.10
N ALA B 22 13.71 0.41 10.06
CA ALA B 22 13.62 -0.95 10.57
C ALA B 22 12.55 -1.73 9.88
N TYR B 23 11.48 -1.03 9.48
CA TYR B 23 10.31 -1.75 8.97
C TYR B 23 9.44 -0.83 8.12
N ASN B 24 8.71 -1.41 7.17
CA ASN B 24 7.70 -0.64 6.42
C ASN B 24 6.48 -1.55 6.23
N ILE B 25 5.38 -0.95 5.75
CA ILE B 25 4.12 -1.64 5.54
C ILE B 25 3.66 -1.18 4.15
N GLU B 26 3.32 -2.15 3.31
CA GLU B 26 2.75 -1.94 1.98
C GLU B 26 1.41 -2.62 1.88
N VAL B 27 0.45 -1.93 1.29
CA VAL B 27 -0.91 -2.36 1.25
C VAL B 27 -1.43 -2.02 -0.13
N LYS B 28 -2.20 -2.93 -0.72
CA LYS B 28 -2.93 -2.61 -1.96
C LYS B 28 -4.23 -3.36 -1.90
N ARG B 29 -5.32 -2.64 -1.61
CA ARG B 29 -6.64 -3.23 -1.50
C ARG B 29 -7.37 -3.11 -2.84
N GLN B 30 -7.54 -4.26 -3.49
CA GLN B 30 -8.05 -4.23 -4.86
C GLN B 30 -8.91 -5.46 -5.24
N ASN B 31 -9.29 -6.25 -4.24
CA ASN B 31 -10.16 -7.42 -4.46
C ASN B 31 -11.04 -7.58 -3.26
N PRO B 32 -12.36 -7.86 -3.45
CA PRO B 32 -13.27 -8.06 -2.31
C PRO B 32 -13.31 -9.47 -1.70
N SER B 33 -12.62 -10.42 -2.32
CA SER B 33 -12.65 -11.84 -1.95
C SER B 33 -11.32 -12.38 -1.37
N MET B 34 -10.20 -12.00 -1.97
CA MET B 34 -8.91 -12.64 -1.67
C MET B 34 -7.80 -11.66 -1.34
N ILE B 35 -7.09 -11.91 -0.22
CA ILE B 35 -5.88 -11.13 0.12
C ILE B 35 -4.75 -12.12 0.39
N TYR B 36 -3.63 -11.80 -0.23
CA TYR B 36 -2.34 -12.48 -0.10
C TYR B 36 -1.51 -11.58 0.74
N PHE B 37 -0.91 -12.15 1.79
CA PHE B 37 -0.17 -11.31 2.68
C PHE B 37 0.87 -12.04 3.49
N SER B 38 1.70 -11.24 4.13
CA SER B 38 2.66 -11.74 5.08
C SER B 38 2.95 -10.74 6.18
N PRO B 39 2.87 -11.21 7.45
CA PRO B 39 3.27 -10.43 8.60
C PRO B 39 4.81 -10.40 8.75
N HIS B 40 5.50 -11.23 7.97
CA HIS B 40 6.94 -11.49 8.12
C HIS B 40 7.74 -11.31 6.84
N ALA B 41 7.35 -10.28 6.07
CA ALA B 41 7.93 -10.07 4.76
C ALA B 41 9.28 -9.34 4.80
N GLY B 42 9.77 -8.88 3.64
CA GLY B 42 11.16 -8.39 3.50
C GLY B 42 12.19 -9.37 4.06
N GLY B 43 13.09 -8.86 4.91
CA GLY B 43 14.10 -9.67 5.61
C GLY B 43 13.70 -10.47 6.87
N ILE B 44 12.46 -10.37 7.35
CA ILE B 44 12.02 -11.29 8.44
C ILE B 44 12.01 -12.78 7.95
N GLU B 45 11.05 -13.15 7.08
CA GLU B 45 11.11 -14.41 6.37
C GLU B 45 11.36 -14.17 4.87
N VAL B 46 12.62 -14.34 4.46
CA VAL B 46 13.11 -13.88 3.13
C VAL B 46 12.50 -14.62 1.98
N GLY B 47 11.95 -13.85 1.03
CA GLY B 47 11.31 -14.43 -0.12
C GLY B 47 9.79 -14.38 -0.15
N THR B 48 9.17 -13.96 0.96
CA THR B 48 7.70 -13.85 1.07
C THR B 48 7.22 -12.57 0.36
N THR B 49 7.94 -11.47 0.55
CA THR B 49 7.76 -10.30 -0.29
C THR B 49 7.71 -10.66 -1.79
N GLU B 50 8.78 -11.23 -2.33
CA GLU B 50 8.86 -11.52 -3.77
C GLU B 50 7.70 -12.43 -4.24
N LEU B 51 7.38 -13.47 -3.46
CA LEU B 51 6.31 -14.40 -3.86
C LEU B 51 4.95 -13.77 -3.92
N ILE B 52 4.66 -12.93 -2.93
CA ILE B 52 3.36 -12.26 -2.85
C ILE B 52 3.20 -11.22 -3.98
N TYR B 53 4.29 -10.55 -4.33
CA TYR B 53 4.30 -9.64 -5.49
C TYR B 53 3.84 -10.37 -6.75
N ARG B 54 4.50 -11.49 -7.01
CA ARG B 54 4.18 -12.31 -8.15
C ARG B 54 2.77 -12.88 -8.04
N VAL B 55 2.39 -13.45 -6.89
CA VAL B 55 1.02 -14.02 -6.79
C VAL B 55 -0.03 -12.93 -7.01
N VAL B 56 0.16 -11.78 -6.34
CA VAL B 56 -0.74 -10.63 -6.52
C VAL B 56 -0.86 -10.20 -8.00
N GLU B 57 0.27 -10.03 -8.71
CA GLU B 57 0.28 -9.74 -10.15
C GLU B 57 -0.51 -10.78 -10.98
N LEU B 58 -0.36 -12.05 -10.65
CA LEU B 58 -1.10 -13.05 -11.40
C LEU B 58 -2.61 -13.06 -11.12
N THR B 59 -3.00 -12.64 -9.92
CA THR B 59 -4.34 -12.92 -9.46
C THR B 59 -5.27 -11.71 -9.38
N GLY B 60 -4.71 -10.51 -9.28
CA GLY B 60 -5.52 -9.33 -8.88
C GLY B 60 -6.01 -9.34 -7.42
N GLY B 61 -5.55 -10.28 -6.59
CA GLY B 61 -5.85 -10.29 -5.15
C GLY B 61 -5.28 -9.06 -4.46
N SER B 62 -5.84 -8.67 -3.30
CA SER B 62 -5.25 -7.55 -2.52
C SER B 62 -3.89 -7.97 -1.93
N LEU B 63 -3.03 -6.99 -1.63
CA LEU B 63 -1.71 -7.27 -0.99
C LEU B 63 -1.59 -6.61 0.40
N TYR B 64 -0.86 -7.27 1.32
CA TYR B 64 -0.39 -6.63 2.55
C TYR B 64 0.98 -7.18 2.89
N LEU B 65 1.99 -6.32 3.10
CA LEU B 65 3.30 -6.81 3.58
C LEU B 65 3.80 -6.03 4.78
N PHE B 66 4.08 -6.73 5.87
CA PHE B 66 4.87 -6.17 6.94
C PHE B 66 6.34 -6.57 6.75
N GLN B 67 7.13 -5.63 6.25
CA GLN B 67 8.52 -5.90 5.87
C GLN B 67 9.65 -5.58 6.87
N GLY B 68 10.59 -6.52 7.07
CA GLY B 68 11.83 -6.14 7.76
C GLY B 68 12.65 -5.43 6.71
N LEU B 69 13.39 -4.40 7.13
CA LEU B 69 14.24 -3.61 6.24
C LEU B 69 15.74 -3.64 6.56
N LEU B 70 16.08 -3.98 7.80
CA LEU B 70 17.47 -3.93 8.24
C LEU B 70 18.32 -4.96 7.48
N PRO B 71 19.60 -4.63 7.30
CA PRO B 71 20.56 -5.48 6.64
C PRO B 71 20.72 -6.75 7.43
N SER B 72 20.54 -6.61 8.75
CA SER B 72 20.83 -7.67 9.70
C SER B 72 19.91 -7.69 10.92
N GLY B 73 19.64 -8.90 11.41
CA GLY B 73 18.92 -9.06 12.66
C GLY B 73 17.45 -8.71 12.49
N ASN B 74 16.86 -9.11 11.37
CA ASN B 74 15.42 -8.87 11.18
C ASN B 74 14.56 -9.75 12.02
N SER B 75 15.19 -10.79 12.55
CA SER B 75 14.58 -11.63 13.56
C SER B 75 13.84 -10.88 14.68
N ARG B 76 14.39 -9.76 15.17
CA ARG B 76 13.73 -9.01 16.28
C ARG B 76 12.36 -8.41 15.91
N LEU B 77 12.07 -8.36 14.62
CA LEU B 77 10.82 -7.75 14.16
C LEU B 77 9.73 -8.78 13.90
N HIS B 78 10.02 -10.06 14.18
CA HIS B 78 9.06 -11.17 14.00
C HIS B 78 8.05 -11.13 15.14
N VAL B 79 6.79 -10.89 14.80
CA VAL B 79 5.73 -11.00 15.80
C VAL B 79 4.85 -12.14 15.35
N THR B 80 4.76 -13.21 16.16
CA THR B 80 4.09 -14.46 15.78
C THR B 80 2.61 -14.25 15.36
N SER B 81 2.15 -15.07 14.41
CA SER B 81 0.84 -14.85 13.77
C SER B 81 -0.30 -14.57 14.73
N THR B 82 -0.43 -15.43 15.75
CA THR B 82 -1.44 -15.26 16.82
C THR B 82 -1.34 -13.96 17.65
N HIS B 83 -0.21 -13.26 17.57
CA HIS B 83 -0.02 -11.96 18.29
C HIS B 83 -0.09 -10.71 17.41
N PHE B 84 0.03 -10.95 16.09
CA PHE B 84 0.16 -9.91 15.09
C PHE B 84 -1.14 -9.13 14.85
N ASP B 85 -1.15 -7.90 15.32
CA ASP B 85 -2.35 -7.12 15.36
C ASP B 85 -2.12 -5.75 14.75
N GLU B 86 -1.20 -5.63 13.78
CA GLU B 86 -1.01 -4.32 13.12
C GLU B 86 -2.38 -3.89 12.57
N PRO B 87 -2.85 -2.68 12.94
CA PRO B 87 -4.27 -2.41 12.70
C PRO B 87 -4.66 -2.32 11.22
N MET B 88 -3.73 -1.92 10.33
CA MET B 88 -4.08 -1.88 8.90
C MET B 88 -4.30 -3.30 8.35
N ALA B 89 -3.40 -4.22 8.71
CA ALA B 89 -3.59 -5.63 8.40
C ALA B 89 -4.88 -6.20 8.96
N VAL B 90 -5.22 -5.82 10.19
CA VAL B 90 -6.46 -6.25 10.85
C VAL B 90 -7.63 -5.69 10.06
N CYS B 91 -7.48 -4.44 9.62
CA CYS B 91 -8.50 -3.77 8.80
C CYS B 91 -8.68 -4.50 7.48
N MET B 92 -7.58 -4.60 6.71
CA MET B 92 -7.57 -5.37 5.46
C MET B 92 -8.26 -6.75 5.52
N LEU B 93 -7.87 -7.56 6.50
CA LEU B 93 -8.39 -8.92 6.60
C LEU B 93 -9.90 -8.94 6.78
N SER B 94 -10.39 -8.03 7.62
CA SER B 94 -11.80 -7.89 7.97
C SER B 94 -12.69 -7.67 6.77
N LYS B 95 -12.15 -7.05 5.71
CA LYS B 95 -12.91 -6.74 4.51
C LYS B 95 -12.74 -7.72 3.30
N HIS B 96 -12.09 -8.88 3.52
CA HIS B 96 -11.84 -9.92 2.50
C HIS B 96 -12.38 -11.26 2.95
N THR B 97 -13.13 -11.91 2.07
CA THR B 97 -13.83 -13.14 2.44
C THR B 97 -12.77 -14.16 2.88
N ASP B 98 -11.68 -14.19 2.12
CA ASP B 98 -10.66 -15.24 2.19
C ASP B 98 -9.31 -14.62 2.38
N ALA B 99 -8.34 -15.44 2.83
CA ALA B 99 -6.96 -14.98 2.96
C ALA B 99 -5.93 -16.09 2.92
N VAL B 100 -4.77 -15.76 2.38
CA VAL B 100 -3.66 -16.71 2.29
C VAL B 100 -2.38 -15.99 2.73
N SER B 101 -1.71 -16.56 3.71
CA SER B 101 -0.50 -15.98 4.27
C SER B 101 0.69 -16.80 3.90
N PHE B 102 1.82 -16.11 3.71
CA PHE B 102 3.07 -16.70 3.30
C PHE B 102 4.09 -16.41 4.41
N HIS B 103 4.62 -17.51 4.93
CA HIS B 103 5.63 -17.58 5.96
C HIS B 103 6.84 -18.39 5.50
N GLY B 104 7.95 -18.19 6.20
CA GLY B 104 9.14 -18.96 5.98
C GLY B 104 9.58 -19.60 7.31
N TYR B 105 10.08 -20.83 7.22
CA TYR B 105 10.68 -21.46 8.41
C TYR B 105 12.03 -21.98 8.00
N LYS B 106 12.86 -22.26 8.99
CA LYS B 106 14.22 -22.62 8.68
C LYS B 106 14.32 -24.15 8.44
N ASP B 107 14.76 -24.52 7.24
CA ASP B 107 15.23 -25.88 6.92
C ASP B 107 16.12 -25.80 5.69
N ASP B 108 17.43 -25.74 5.88
CA ASP B 108 18.31 -25.44 4.77
C ASP B 108 18.57 -26.61 3.83
N TYR B 109 18.14 -27.79 4.24
CA TYR B 109 18.44 -29.01 3.51
C TYR B 109 17.24 -29.61 2.72
N ASN B 110 15.98 -29.38 3.16
CA ASN B 110 14.76 -29.85 2.42
C ASN B 110 13.95 -28.70 1.81
N LYS B 111 13.55 -28.87 0.54
CA LYS B 111 12.48 -28.08 -0.05
C LYS B 111 11.13 -28.68 0.34
N ASN B 112 10.38 -27.95 1.17
CA ASN B 112 9.04 -28.35 1.56
C ASN B 112 8.23 -27.14 1.93
N THR B 113 6.93 -27.24 1.69
CA THR B 113 5.96 -26.25 2.14
C THR B 113 4.92 -26.98 2.98
N LEU B 114 4.64 -26.45 4.17
CA LEU B 114 3.64 -27.05 5.01
C LEU B 114 2.39 -26.20 4.98
N VAL B 115 1.28 -26.75 4.48
CA VAL B 115 0.08 -25.93 4.31
C VAL B 115 -0.96 -26.18 5.40
N GLY B 116 -1.41 -25.12 6.06
CA GLY B 116 -2.35 -25.19 7.16
C GLY B 116 -3.51 -24.20 7.01
N GLY B 117 -4.20 -23.92 8.12
CA GLY B 117 -5.32 -22.96 8.14
C GLY B 117 -6.69 -23.60 8.28
N LEU B 118 -7.69 -22.79 8.60
CA LEU B 118 -9.05 -23.28 8.73
C LEU B 118 -9.78 -23.46 7.40
N ASN B 119 -9.28 -22.82 6.34
CA ASN B 119 -9.85 -23.05 4.99
C ASN B 119 -9.29 -24.34 4.39
N THR B 120 -9.91 -25.46 4.74
CA THR B 120 -9.47 -26.80 4.35
C THR B 120 -9.55 -27.02 2.84
N GLU B 121 -10.59 -26.50 2.19
CA GLU B 121 -10.68 -26.64 0.75
C GLU B 121 -9.58 -25.95 -0.03
N LEU B 122 -9.36 -24.65 0.18
CA LEU B 122 -8.27 -23.93 -0.55
C LEU B 122 -6.90 -24.47 -0.14
N ARG B 123 -6.77 -24.85 1.14
CA ARG B 123 -5.51 -25.47 1.58
C ARG B 123 -5.20 -26.70 0.73
N ASN B 124 -6.18 -27.61 0.63
CA ASN B 124 -6.01 -28.85 -0.16
C ASN B 124 -5.75 -28.54 -1.66
N LEU B 125 -6.41 -27.51 -2.19
CA LEU B 125 -6.15 -27.13 -3.58
C LEU B 125 -4.71 -26.68 -3.77
N ILE B 126 -4.19 -25.92 -2.82
CA ILE B 126 -2.84 -25.33 -2.94
C ILE B 126 -1.79 -26.46 -2.94
N VAL B 127 -1.96 -27.44 -2.07
CA VAL B 127 -1.04 -28.57 -1.96
C VAL B 127 -1.06 -29.37 -3.27
N SER B 128 -2.27 -29.62 -3.77
CA SER B 128 -2.44 -30.31 -5.04
C SER B 128 -1.79 -29.57 -6.21
N LYS B 129 -2.12 -28.29 -6.36
CA LYS B 129 -1.53 -27.46 -7.42
C LYS B 129 0.00 -27.30 -7.28
N LEU B 130 0.47 -27.12 -6.05
CA LEU B 130 1.93 -27.15 -5.80
C LEU B 130 2.58 -28.46 -6.26
N ASN B 131 2.03 -29.58 -5.81
CA ASN B 131 2.46 -30.93 -6.23
C ASN B 131 2.46 -31.18 -7.74
N SER B 132 1.51 -30.60 -8.45
CA SER B 132 1.43 -30.79 -9.91
C SER B 132 2.58 -30.05 -10.63
N LYS B 133 3.21 -29.08 -9.97
CA LYS B 133 4.34 -28.37 -10.54
C LYS B 133 5.65 -28.99 -10.10
N GLY B 134 5.58 -30.17 -9.48
CA GLY B 134 6.78 -30.84 -9.02
C GLY B 134 7.37 -30.17 -7.79
N ILE B 135 6.52 -29.49 -7.05
CA ILE B 135 6.94 -28.78 -5.82
C ILE B 135 6.43 -29.55 -4.60
N ALA B 136 7.31 -29.71 -3.62
CA ALA B 136 7.01 -30.43 -2.39
C ALA B 136 6.04 -29.61 -1.56
N ALA B 137 4.89 -30.21 -1.24
CA ALA B 137 3.91 -29.58 -0.36
C ALA B 137 3.00 -30.65 0.26
N GLU B 138 2.59 -30.40 1.49
CA GLU B 138 1.75 -31.32 2.25
C GLU B 138 0.95 -30.52 3.25
N VAL B 139 -0.16 -31.13 3.67
CA VAL B 139 -0.97 -30.60 4.75
C VAL B 139 -0.20 -30.73 6.04
N ALA B 140 -0.05 -29.60 6.71
CA ALA B 140 0.63 -29.56 8.00
C ALA B 140 -0.22 -30.37 9.00
N THR B 141 0.44 -31.12 9.88
CA THR B 141 -0.27 -31.91 10.89
C THR B 141 0.42 -31.77 12.23
N ASP B 142 1.76 -31.67 12.23
CA ASP B 142 2.54 -31.70 13.46
C ASP B 142 3.07 -30.37 13.95
N ARG B 143 3.05 -29.38 13.07
CA ARG B 143 3.30 -28.00 13.38
C ARG B 143 2.72 -27.21 12.21
N PHE B 144 2.46 -25.92 12.42
CA PHE B 144 2.03 -25.02 11.35
C PHE B 144 0.63 -25.31 10.84
N THR B 145 -0.21 -25.91 11.68
CA THR B 145 -1.56 -26.29 11.29
C THR B 145 -2.51 -25.07 11.15
N ALA B 146 -2.17 -23.96 11.79
CA ALA B 146 -2.89 -22.68 11.64
C ALA B 146 -4.41 -22.80 11.78
N THR B 147 -4.85 -23.49 12.83
CA THR B 147 -6.27 -23.63 13.19
C THR B 147 -6.67 -22.69 14.34
N ASP B 148 -5.70 -22.01 14.91
CA ASP B 148 -5.96 -21.06 15.98
C ASP B 148 -6.70 -19.85 15.40
N PRO B 149 -7.96 -19.55 15.85
CA PRO B 149 -8.73 -18.40 15.34
C PRO B 149 -8.03 -17.04 15.54
N ASP B 150 -7.01 -17.00 16.42
CA ASP B 150 -6.14 -15.83 16.61
C ASP B 150 -5.05 -15.63 15.56
N ASN B 151 -4.74 -16.68 14.79
CA ASN B 151 -3.73 -16.56 13.78
C ASN B 151 -4.33 -15.55 12.84
N ILE B 152 -3.55 -14.52 12.53
CA ILE B 152 -3.93 -13.40 11.63
C ILE B 152 -4.64 -13.84 10.31
N VAL B 153 -4.16 -14.95 9.72
CA VAL B 153 -4.76 -15.46 8.45
C VAL B 153 -6.23 -15.93 8.59
N ASN B 154 -6.62 -16.29 9.81
CA ASN B 154 -7.98 -16.76 10.06
C ASN B 154 -8.90 -15.62 10.44
N ARG B 155 -8.35 -14.40 10.45
CA ARG B 155 -9.09 -13.21 10.86
C ARG B 155 -9.65 -12.52 9.60
N CYS B 156 -9.73 -13.26 8.49
CA CYS B 156 -10.48 -12.73 7.33
C CYS B 156 -12.01 -12.78 7.70
N ALA B 157 -12.87 -12.20 6.87
CA ALA B 157 -14.30 -12.14 7.22
C ALA B 157 -14.98 -13.54 7.33
N SER B 158 -14.53 -14.52 6.55
CA SER B 158 -15.03 -15.89 6.71
C SER B 158 -14.51 -16.57 7.99
N GLY B 159 -13.50 -15.98 8.60
CA GLY B 159 -12.81 -16.63 9.72
C GLY B 159 -12.04 -17.88 9.35
N LYS B 160 -11.78 -18.10 8.05
CA LYS B 160 -11.09 -19.32 7.60
C LYS B 160 -10.03 -18.93 6.62
N GLY B 161 -8.76 -19.06 7.02
CA GLY B 161 -7.63 -18.73 6.15
C GLY B 161 -6.80 -19.93 5.69
N VAL B 162 -5.79 -19.68 4.85
CA VAL B 162 -4.83 -20.73 4.48
C VAL B 162 -3.43 -20.19 4.78
N GLN B 163 -2.61 -20.95 5.50
CA GLN B 163 -1.22 -20.53 5.75
C GLN B 163 -0.22 -21.40 5.01
N LEU B 164 0.83 -20.78 4.42
CA LEU B 164 1.95 -21.55 3.82
C LEU B 164 3.23 -21.27 4.63
N GLU B 165 3.85 -22.36 5.05
CA GLU B 165 5.08 -22.31 5.77
C GLU B 165 6.02 -22.99 4.83
N ILE B 166 6.99 -22.23 4.40
CA ILE B 166 7.84 -22.60 3.30
C ILE B 166 9.26 -22.66 3.83
N SER B 167 9.92 -23.78 3.58
CA SER B 167 11.28 -23.98 4.10
C SER B 167 12.28 -23.00 3.50
N SER B 168 13.26 -22.59 4.31
CA SER B 168 14.39 -21.80 3.81
C SER B 168 14.99 -22.37 2.53
N ALA B 169 15.21 -23.69 2.48
CA ALA B 169 15.75 -24.30 1.24
C ALA B 169 14.87 -24.00 0.04
N GLN B 170 13.56 -24.13 0.21
CA GLN B 170 12.61 -23.77 -0.84
C GLN B 170 12.72 -22.31 -1.30
N ARG B 171 12.80 -21.38 -0.35
CA ARG B 171 12.88 -19.95 -0.68
C ARG B 171 14.18 -19.53 -1.38
N ARG B 172 15.31 -20.10 -0.93
CA ARG B 172 16.58 -19.94 -1.64
C ARG B 172 16.43 -20.34 -3.08
N ALA B 173 15.74 -21.45 -3.30
CA ALA B 173 15.48 -21.99 -4.64
C ALA B 173 14.59 -21.11 -5.53
N PHE B 174 14.00 -20.06 -4.94
CA PHE B 174 13.26 -19.06 -5.73
C PHE B 174 14.19 -18.11 -6.47
N PHE B 175 15.48 -18.13 -6.11
CA PHE B 175 16.44 -17.16 -6.64
C PHE B 175 17.62 -17.79 -7.37
N GLN B 176 18.12 -17.09 -8.39
CA GLN B 176 19.27 -17.54 -9.19
C GLN B 176 20.52 -17.76 -8.34
N ASN B 177 21.32 -18.74 -8.75
CA ASN B 177 22.46 -19.24 -7.99
C ASN B 177 22.10 -19.66 -6.55
N ASN B 178 20.81 -19.96 -6.35
CA ASN B 178 20.26 -20.24 -5.03
C ASN B 178 20.60 -19.12 -4.06
N ASP B 179 20.77 -17.93 -4.58
CA ASP B 179 21.30 -16.83 -3.78
C ASP B 179 20.21 -15.82 -3.47
N TRP B 180 19.98 -15.65 -2.17
CA TRP B 180 18.80 -14.97 -1.62
C TRP B 180 19.21 -13.68 -0.90
N SER B 181 20.49 -13.36 -1.01
CA SER B 181 20.98 -12.06 -0.64
C SER B 181 20.11 -11.00 -1.37
N LYS B 182 19.81 -9.89 -0.67
CA LYS B 182 18.81 -8.91 -1.14
C LYS B 182 19.13 -8.31 -2.52
N ALA B 183 20.41 -8.05 -2.77
CA ALA B 183 20.88 -7.53 -4.05
C ALA B 183 20.35 -8.34 -5.25
N ASN B 184 20.11 -9.64 -5.02
CA ASN B 184 19.81 -10.63 -6.04
C ASN B 184 18.32 -11.02 -6.18
N ARG B 185 17.46 -10.43 -5.34
CA ARG B 185 16.08 -10.89 -5.18
C ARG B 185 15.11 -10.58 -6.32
N GLY B 186 15.57 -9.81 -7.30
CA GLY B 186 14.80 -9.55 -8.52
C GLY B 186 15.12 -10.59 -9.58
N ASN B 187 16.19 -11.34 -9.37
CA ASN B 187 16.58 -12.44 -10.24
C ASN B 187 15.97 -13.75 -9.76
N VAL B 188 14.78 -14.06 -10.28
CA VAL B 188 14.03 -15.23 -9.78
C VAL B 188 14.15 -16.45 -10.71
N THR B 189 13.92 -17.64 -10.14
CA THR B 189 13.98 -18.88 -10.90
C THR B 189 12.66 -19.26 -11.57
N GLN B 190 12.72 -20.39 -12.26
CA GLN B 190 11.54 -20.99 -12.84
C GLN B 190 10.70 -21.64 -11.73
N GLU B 191 11.33 -22.36 -10.81
CA GLU B 191 10.60 -22.90 -9.65
C GLU B 191 9.79 -21.81 -8.93
N PHE B 192 10.38 -20.62 -8.74
CA PHE B 192 9.65 -19.43 -8.25
C PHE B 192 8.39 -19.16 -9.06
N LEU B 193 8.55 -19.07 -10.39
CA LEU B 193 7.43 -18.78 -11.27
C LEU B 193 6.36 -19.87 -11.12
N ASP B 194 6.78 -21.14 -11.13
CA ASP B 194 5.88 -22.29 -10.97
C ASP B 194 5.08 -22.22 -9.69
N TYR B 195 5.78 -21.86 -8.65
CA TYR B 195 5.22 -21.85 -7.33
C TYR B 195 4.09 -20.82 -7.30
N ALA B 196 4.37 -19.59 -7.73
CA ALA B 196 3.33 -18.55 -7.79
C ALA B 196 2.20 -18.93 -8.76
N GLU B 197 2.56 -19.59 -9.86
CA GLU B 197 1.52 -20.00 -10.83
C GLU B 197 0.56 -21.02 -10.26
N ALA B 198 1.05 -21.93 -9.42
CA ALA B 198 0.25 -22.90 -8.70
C ALA B 198 -0.78 -22.27 -7.80
N ILE B 199 -0.38 -21.19 -7.12
CA ILE B 199 -1.27 -20.52 -6.19
C ILE B 199 -2.46 -19.88 -6.95
N LYS B 200 -2.18 -19.24 -8.09
CA LYS B 200 -3.26 -18.68 -8.96
C LYS B 200 -4.20 -19.75 -9.48
N GLU B 201 -3.67 -20.90 -9.86
CA GLU B 201 -4.53 -21.99 -10.31
C GLU B 201 -5.43 -22.49 -9.17
N ALA B 202 -4.86 -22.59 -7.96
CA ALA B 202 -5.64 -22.99 -6.79
C ALA B 202 -6.80 -22.03 -6.53
N GLU B 203 -6.47 -20.77 -6.31
CA GLU B 203 -7.47 -19.70 -6.25
C GLU B 203 -8.53 -19.80 -7.37
N ALA B 204 -8.09 -19.88 -8.63
CA ALA B 204 -9.04 -19.93 -9.75
C ALA B 204 -9.96 -21.14 -9.63
N GLU B 205 -9.39 -22.34 -9.50
CA GLU B 205 -10.19 -23.53 -9.22
C GLU B 205 -11.13 -23.36 -8.02
N TYR B 206 -10.69 -22.66 -6.99
CA TYR B 206 -11.46 -22.46 -5.74
C TYR B 206 -12.81 -21.75 -5.91
N TYR B 207 -12.78 -20.57 -6.50
CA TYR B 207 -13.96 -19.75 -6.64
C TYR B 207 -14.97 -20.31 -7.63
N GLY B 208 -14.46 -20.93 -8.69
CA GLY B 208 -15.29 -21.71 -9.64
C GLY B 208 -16.32 -22.60 -8.96
N LEU B 209 -16.10 -22.96 -7.69
CA LEU B 209 -17.11 -23.59 -6.83
C LEU B 209 -18.31 -22.73 -6.64
N GLU B 210 -18.06 -21.55 -6.07
CA GLU B 210 -19.07 -20.76 -5.41
C GLU B 210 -19.79 -19.89 -6.44
ZN ZN C . -10.06 16.71 -4.22
P PO4 D . -12.27 18.51 -2.13
O1 PO4 D . -13.75 18.59 -1.86
O2 PO4 D . -11.62 19.88 -2.21
O3 PO4 D . -11.70 17.76 -0.95
O4 PO4 D . -12.01 17.76 -3.41
ZN ZN E . 6.37 -16.28 9.79
P PO4 F . 5.08 -17.61 12.90
O1 PO4 F . 5.23 -17.97 14.37
O2 PO4 F . 4.87 -18.92 12.19
O3 PO4 F . 3.86 -16.75 12.72
O4 PO4 F . 6.34 -16.99 12.32
#